data_3LT0
#
_entry.id   3LT0
#
_cell.length_a   131.063
_cell.length_b   131.063
_cell.length_c   82.919
_cell.angle_alpha   90.00
_cell.angle_beta   90.00
_cell.angle_gamma   90.00
#
_symmetry.space_group_name_H-M   'P 43 21 2'
#
loop_
_entity.id
_entity.type
_entity.pdbx_description
1 polymer 'Enoyl-ACP reductase'
2 non-polymer NICOTINAMIDE-ADENINE-DINUCLEOTIDE
3 non-polymer 4-(2,4-dichlorophenoxy)-3-hydroxybenzaldehyde
4 water water
#
_entity_poly.entity_id   1
_entity_poly.type   'polypeptide(L)'
_entity_poly.pdbx_seq_one_letter_code
;NEDICFIAGIGDTNGYGWGIAKELSKRNVKIIFGIWPPVYNIFMKNYKNGKFDNDMIIDKDKKMNILDMLPFDASFDTAN
DIDEETKNNKRYNMLQNYTIEDVANLIHQKYGKINMLVHSLANAKEVQKDLLNTSRKGYLDALSKSSYSLISLCKYFVNI
MKPQSSIISLTYHASQKVVPGYGGGMSSAKAALESDTRVLAYHLGRNYNIRINTISAGPLKSRAATAINKLNNTYENNTN
QNKNRNRHDVHNIMNNSGEKEEKKISASQNYTFIDYAIEYSEKYAPLRQKLLSTDIGSVASFLLSRESRAITGQTIYVDN
GLNIMFLPD
;
_entity_poly.pdbx_strand_id   A,B
#
loop_
_chem_comp.id
_chem_comp.type
_chem_comp.name
_chem_comp.formula
FT1 non-polymer 4-(2,4-dichlorophenoxy)-3-hydroxybenzaldehyde 'C13 H8 Cl2 O3'
NAD non-polymer NICOTINAMIDE-ADENINE-DINUCLEOTIDE 'C21 H27 N7 O14 P2'
#
# COMPACT_ATOMS: atom_id res chain seq x y z
N ASN A 1 14.96 13.94 -13.78
CA ASN A 1 15.24 13.75 -12.32
C ASN A 1 16.34 12.72 -12.11
N GLU A 2 17.05 12.82 -11.00
CA GLU A 2 18.14 11.87 -10.76
C GLU A 2 17.84 10.84 -9.69
N ASP A 3 16.84 9.98 -9.93
CA ASP A 3 16.55 8.89 -8.99
C ASP A 3 17.53 7.73 -9.16
N ILE A 4 18.12 7.29 -8.06
CA ILE A 4 19.01 6.13 -8.08
C ILE A 4 18.59 5.20 -6.95
N CYS A 5 18.51 3.91 -7.29
CA CYS A 5 18.11 2.85 -6.36
C CYS A 5 19.17 1.76 -6.29
N PHE A 6 19.63 1.47 -5.09
CA PHE A 6 20.46 0.31 -4.83
C PHE A 6 19.58 -0.88 -4.43
N ILE A 7 19.68 -1.98 -5.18
CA ILE A 7 18.93 -3.19 -4.89
C ILE A 7 19.91 -4.27 -4.42
N ALA A 8 19.83 -4.61 -3.13
CA ALA A 8 20.68 -5.60 -2.52
C ALA A 8 19.97 -6.95 -2.55
N GLY A 9 20.54 -7.92 -3.25
CA GLY A 9 19.91 -9.26 -3.33
C GLY A 9 19.39 -9.71 -4.69
N ILE A 10 20.16 -9.48 -5.74
CA ILE A 10 19.85 -9.99 -7.07
C ILE A 10 20.88 -11.07 -7.39
N GLY A 11 20.41 -12.27 -7.74
CA GLY A 11 21.29 -13.38 -8.13
C GLY A 11 21.02 -13.93 -9.54
N ASP A 12 19.85 -13.59 -10.10
CA ASP A 12 19.41 -14.00 -11.42
C ASP A 12 18.11 -13.23 -11.69
N THR A 13 17.34 -13.67 -12.69
CA THR A 13 16.18 -12.88 -13.13
C THR A 13 14.88 -13.49 -12.60
N ASN A 14 15.01 -14.51 -11.75
CA ASN A 14 13.82 -15.25 -11.27
C ASN A 14 13.25 -14.87 -9.91
N GLY A 15 13.84 -13.87 -9.26
CA GLY A 15 13.42 -13.52 -7.90
C GLY A 15 12.72 -12.18 -7.87
N TYR A 16 12.38 -11.72 -6.67
CA TYR A 16 11.69 -10.42 -6.54
C TYR A 16 12.60 -9.23 -6.83
N GLY A 17 13.89 -9.36 -6.60
CA GLY A 17 14.84 -8.24 -6.83
C GLY A 17 14.80 -7.81 -8.28
N TRP A 18 14.84 -8.78 -9.17
CA TRP A 18 14.72 -8.48 -10.61
C TRP A 18 13.40 -7.80 -10.99
N GLY A 19 12.28 -8.33 -10.49
CA GLY A 19 10.96 -7.71 -10.76
C GLY A 19 10.87 -6.26 -10.28
N ILE A 20 11.47 -5.97 -9.13
CA ILE A 20 11.51 -4.60 -8.60
C ILE A 20 12.38 -3.72 -9.50
N ALA A 21 13.51 -4.27 -9.95
CA ALA A 21 14.41 -3.53 -10.87
C ALA A 21 13.67 -3.15 -12.17
N LYS A 22 12.93 -4.11 -12.72
CA LYS A 22 12.20 -3.93 -13.98
C LYS A 22 11.17 -2.84 -13.89
N GLU A 23 10.34 -2.90 -12.85
CA GLU A 23 9.33 -1.85 -12.60
C GLU A 23 9.90 -0.47 -12.29
N LEU A 24 11.00 -0.39 -11.55
CA LEU A 24 11.63 0.92 -11.29
C LEU A 24 12.17 1.50 -12.61
N SER A 25 12.65 0.60 -13.46
CA SER A 25 13.24 0.96 -14.74
C SER A 25 12.24 1.65 -15.67
N LYS A 26 11.00 1.17 -15.64
CA LYS A 26 9.86 1.82 -16.28
C LYS A 26 9.70 3.27 -15.88
N ARG A 27 10.03 3.61 -14.62
CA ARG A 27 9.93 5.00 -14.12
C ARG A 27 11.23 5.78 -14.35
N ASN A 28 12.13 5.22 -15.17
CA ASN A 28 13.43 5.82 -15.47
C ASN A 28 14.33 6.00 -14.22
N VAL A 29 14.24 5.05 -13.29
CA VAL A 29 15.10 5.05 -12.12
C VAL A 29 16.39 4.33 -12.49
N LYS A 30 17.55 4.93 -12.18
CA LYS A 30 18.83 4.28 -12.39
C LYS A 30 19.01 3.19 -11.35
N ILE A 31 19.43 2.01 -11.80
CA ILE A 31 19.49 0.83 -10.91
C ILE A 31 20.91 0.31 -10.70
N ILE A 32 21.26 0.09 -9.42
CA ILE A 32 22.53 -0.53 -9.04
C ILE A 32 22.24 -1.86 -8.31
N PHE A 33 22.82 -2.96 -8.80
CA PHE A 33 22.64 -4.27 -8.18
C PHE A 33 23.72 -4.58 -7.16
N GLY A 34 23.32 -5.09 -6.00
CA GLY A 34 24.26 -5.67 -5.04
C GLY A 34 24.11 -7.18 -5.11
N ILE A 35 25.21 -7.84 -5.50
CA ILE A 35 25.19 -9.26 -5.80
C ILE A 35 26.08 -10.05 -4.83
N TRP A 36 25.49 -11.08 -4.20
CA TRP A 36 26.19 -11.93 -3.25
C TRP A 36 27.46 -12.51 -3.90
N PRO A 37 28.63 -12.34 -3.26
CA PRO A 37 29.88 -12.73 -3.96
C PRO A 37 29.92 -14.17 -4.51
N PRO A 38 29.47 -15.20 -3.74
CA PRO A 38 29.46 -16.55 -4.33
C PRO A 38 28.79 -16.68 -5.70
N VAL A 39 27.90 -15.76 -6.07
CA VAL A 39 27.22 -15.84 -7.36
C VAL A 39 27.52 -14.66 -8.30
N TYR A 40 28.43 -13.80 -7.87
CA TYR A 40 28.76 -12.58 -8.63
C TYR A 40 29.33 -12.91 -10.02
N ASN A 41 30.39 -13.72 -10.06
CA ASN A 41 31.04 -14.02 -11.35
C ASN A 41 30.13 -14.76 -12.32
N ILE A 42 29.28 -15.67 -11.81
CA ILE A 42 28.30 -16.40 -12.62
C ILE A 42 27.28 -15.41 -13.20
N PHE A 43 26.83 -14.48 -12.35
CA PHE A 43 25.86 -13.48 -12.78
C PHE A 43 26.46 -12.64 -13.92
N MET A 44 27.68 -12.18 -13.71
CA MET A 44 28.34 -11.31 -14.69
C MET A 44 28.53 -12.05 -16.03
N LYS A 45 28.91 -13.31 -15.93
CA LYS A 45 29.06 -14.16 -17.10
C LYS A 45 27.73 -14.32 -17.84
N ASN A 46 26.66 -14.70 -17.13
CA ASN A 46 25.34 -14.80 -17.77
C ASN A 46 24.92 -13.48 -18.43
N TYR A 47 25.11 -12.38 -17.70
CA TYR A 47 24.82 -11.07 -18.24
C TYR A 47 25.60 -10.82 -19.55
N LYS A 48 26.91 -11.03 -19.51
CA LYS A 48 27.76 -10.71 -20.67
C LYS A 48 27.34 -11.56 -21.87
N ASN A 49 27.07 -12.83 -21.61
CA ASN A 49 26.63 -13.78 -22.63
C ASN A 49 25.21 -13.57 -23.14
N GLY A 50 24.54 -12.52 -22.68
CA GLY A 50 23.20 -12.16 -23.11
C GLY A 50 22.07 -13.03 -22.59
N LYS A 51 22.31 -13.81 -21.54
CA LYS A 51 21.27 -14.68 -20.99
C LYS A 51 20.04 -13.92 -20.48
N PHE A 52 20.23 -12.67 -20.09
CA PHE A 52 19.19 -11.91 -19.41
C PHE A 52 18.50 -10.94 -20.35
N ASP A 53 18.93 -10.90 -21.61
CA ASP A 53 18.46 -9.89 -22.58
C ASP A 53 16.96 -9.82 -22.76
N ASN A 54 16.30 -10.96 -22.96
CA ASN A 54 14.84 -10.98 -23.04
C ASN A 54 14.18 -10.53 -21.74
N ASP A 55 14.80 -10.85 -20.60
CA ASP A 55 14.26 -10.46 -19.29
C ASP A 55 14.38 -8.97 -18.99
N MET A 56 15.21 -8.28 -19.77
CA MET A 56 15.45 -6.84 -19.59
C MET A 56 14.54 -5.93 -20.38
N ILE A 57 13.71 -6.51 -21.25
CA ILE A 57 12.83 -5.71 -22.12
C ILE A 57 11.68 -5.17 -21.26
N ILE A 58 11.52 -3.84 -21.23
CA ILE A 58 10.39 -3.27 -20.50
C ILE A 58 9.17 -3.20 -21.43
N ASP A 59 9.30 -2.52 -22.56
CA ASP A 59 8.37 -2.73 -23.68
C ASP A 59 8.95 -2.30 -25.04
N LYS A 60 8.05 -2.07 -26.00
CA LYS A 60 8.37 -1.57 -27.35
C LYS A 60 9.53 -0.58 -27.38
N ASP A 61 9.50 0.41 -26.50
CA ASP A 61 10.57 1.42 -26.49
C ASP A 61 11.76 1.07 -25.62
N LYS A 62 11.48 0.53 -24.43
CA LYS A 62 12.44 0.58 -23.32
C LYS A 62 13.10 -0.75 -22.95
N LYS A 63 14.40 -0.66 -22.62
CA LYS A 63 15.20 -1.74 -22.06
C LYS A 63 15.64 -1.31 -20.63
N MET A 64 15.81 -2.25 -19.70
CA MET A 64 16.31 -1.92 -18.35
CA MET A 64 16.31 -1.92 -18.35
C MET A 64 17.67 -1.21 -18.42
N ASN A 65 17.78 -0.07 -17.77
CA ASN A 65 19.07 0.59 -17.70
C ASN A 65 19.71 0.20 -16.39
N ILE A 66 20.75 -0.61 -16.45
CA ILE A 66 21.45 -0.98 -15.25
C ILE A 66 22.71 -0.11 -15.15
N LEU A 67 22.74 0.71 -14.12
CA LEU A 67 23.84 1.65 -13.90
C LEU A 67 25.14 0.93 -13.49
N ASP A 68 25.08 0.05 -12.48
CA ASP A 68 26.24 -0.75 -12.09
C ASP A 68 25.80 -2.07 -11.41
N MET A 69 26.76 -2.96 -11.23
CA MET A 69 26.56 -4.25 -10.56
C MET A 69 27.80 -4.46 -9.70
N LEU A 70 27.58 -4.62 -8.41
CA LEU A 70 28.65 -4.68 -7.42
C LEU A 70 28.51 -5.90 -6.50
N PRO A 71 29.65 -6.51 -6.13
CA PRO A 71 29.56 -7.58 -5.13
C PRO A 71 29.18 -6.99 -3.77
N PHE A 72 28.36 -7.73 -3.02
CA PHE A 72 27.75 -7.23 -1.79
C PHE A 72 27.42 -8.42 -0.89
N ASP A 73 27.98 -8.43 0.31
CA ASP A 73 27.69 -9.48 1.26
C ASP A 73 27.17 -8.86 2.57
N ALA A 74 25.90 -9.14 2.88
CA ALA A 74 25.18 -8.57 4.03
C ALA A 74 25.60 -9.20 5.35
N SER A 75 26.45 -10.23 5.26
CA SER A 75 27.07 -10.86 6.43
C SER A 75 28.06 -9.95 7.15
N PHE A 76 28.62 -8.97 6.43
CA PHE A 76 29.76 -8.15 6.91
C PHE A 76 29.48 -6.64 6.87
N ASP A 77 29.58 -5.99 8.02
CA ASP A 77 29.31 -4.56 8.14
C ASP A 77 30.49 -3.75 7.61
N THR A 78 31.71 -4.16 7.94
CA THR A 78 32.92 -3.42 7.54
C THR A 78 34.02 -4.39 7.19
N ALA A 79 35.04 -3.86 6.51
CA ALA A 79 36.21 -4.64 6.07
C ALA A 79 36.78 -5.56 7.16
N ASN A 80 36.88 -5.03 8.37
CA ASN A 80 37.38 -5.78 9.54
C ASN A 80 36.60 -7.02 9.90
N ASP A 81 35.33 -7.08 9.49
CA ASP A 81 34.46 -8.17 9.90
C ASP A 81 34.66 -9.45 9.09
N ILE A 82 35.34 -9.39 7.96
CA ILE A 82 35.52 -10.61 7.16
C ILE A 82 36.50 -11.59 7.82
N ASP A 83 36.07 -12.84 7.97
CA ASP A 83 36.92 -13.89 8.56
C ASP A 83 37.91 -14.43 7.53
N GLU A 84 38.96 -15.11 8.04
CA GLU A 84 40.03 -15.72 7.23
C GLU A 84 39.53 -16.67 6.14
N GLU A 85 38.63 -17.58 6.52
CA GLU A 85 38.06 -18.59 5.61
C GLU A 85 37.37 -17.96 4.41
N THR A 86 36.66 -16.86 4.63
CA THR A 86 35.96 -16.15 3.56
C THR A 86 36.93 -15.41 2.63
N LYS A 87 37.80 -14.60 3.21
CA LYS A 87 38.79 -13.89 2.43
C LYS A 87 39.65 -14.86 1.58
N ASN A 88 39.87 -16.08 2.10
CA ASN A 88 40.60 -17.14 1.40
C ASN A 88 39.75 -17.92 0.39
N ASN A 89 38.44 -17.77 0.46
CA ASN A 89 37.55 -18.46 -0.48
C ASN A 89 37.85 -18.07 -1.93
N LYS A 90 37.84 -19.08 -2.80
CA LYS A 90 38.09 -18.89 -4.23
C LYS A 90 37.28 -17.74 -4.83
N ARG A 91 36.01 -17.66 -4.45
CA ARG A 91 35.07 -16.70 -5.02
C ARG A 91 35.18 -15.28 -4.47
N TYR A 92 35.57 -15.15 -3.21
CA TYR A 92 35.75 -13.83 -2.59
C TYR A 92 37.12 -13.23 -2.87
N ASN A 93 38.12 -14.10 -3.06
CA ASN A 93 39.53 -13.71 -3.21
C ASN A 93 39.77 -12.67 -4.31
N MET A 94 39.10 -12.85 -5.45
CA MET A 94 39.24 -11.92 -6.59
C MET A 94 38.26 -10.74 -6.53
N LEU A 95 37.55 -10.58 -5.41
CA LEU A 95 36.66 -9.42 -5.26
C LEU A 95 37.10 -8.57 -4.08
N GLN A 96 36.62 -7.34 -4.01
CA GLN A 96 36.94 -6.41 -2.91
C GLN A 96 35.78 -5.43 -2.71
N ASN A 97 35.82 -4.71 -1.58
CA ASN A 97 34.87 -3.63 -1.24
C ASN A 97 33.40 -4.07 -1.29
N TYR A 98 33.15 -5.26 -0.73
CA TYR A 98 31.85 -5.90 -0.83
C TYR A 98 31.13 -5.97 0.53
N THR A 99 31.71 -5.38 1.57
CA THR A 99 31.00 -5.23 2.85
C THR A 99 29.97 -4.09 2.74
N ILE A 100 29.05 -4.05 3.69
CA ILE A 100 27.98 -3.06 3.65
C ILE A 100 28.51 -1.62 3.59
N GLU A 101 29.44 -1.29 4.49
CA GLU A 101 30.01 0.06 4.53
C GLU A 101 30.80 0.40 3.25
N ASP A 102 31.59 -0.56 2.80
CA ASP A 102 32.39 -0.39 1.60
C ASP A 102 31.51 -0.14 0.37
N VAL A 103 30.40 -0.87 0.26
CA VAL A 103 29.52 -0.68 -0.88
C VAL A 103 28.85 0.71 -0.83
N ALA A 104 28.41 1.15 0.35
CA ALA A 104 27.89 2.51 0.52
C ALA A 104 28.90 3.56 0.06
N ASN A 105 30.15 3.42 0.51
CA ASN A 105 31.23 4.36 0.17
C ASN A 105 31.52 4.38 -1.34
N LEU A 106 31.54 3.20 -1.92
CA LEU A 106 31.80 3.01 -3.34
C LEU A 106 30.72 3.62 -4.21
N ILE A 107 29.45 3.37 -3.87
CA ILE A 107 28.34 3.96 -4.63
C ILE A 107 28.41 5.49 -4.52
N HIS A 108 28.65 5.99 -3.31
CA HIS A 108 28.61 7.43 -3.10
C HIS A 108 29.75 8.09 -3.89
N GLN A 109 30.91 7.43 -3.90
CA GLN A 109 32.10 7.94 -4.58
C GLN A 109 31.92 7.96 -6.10
N LYS A 110 31.25 6.95 -6.65
CA LYS A 110 31.03 6.86 -8.09
C LYS A 110 29.85 7.68 -8.58
N TYR A 111 28.77 7.72 -7.80
CA TYR A 111 27.50 8.27 -8.30
C TYR A 111 26.87 9.32 -7.44
N GLY A 112 27.43 9.56 -6.26
CA GLY A 112 26.85 10.57 -5.38
C GLY A 112 25.70 9.99 -4.55
N LYS A 113 24.84 10.88 -4.07
CA LYS A 113 23.75 10.47 -3.17
C LYS A 113 22.64 9.79 -3.92
N ILE A 114 22.04 8.78 -3.29
CA ILE A 114 20.91 8.06 -3.87
C ILE A 114 19.64 8.37 -3.08
N ASN A 115 18.50 7.93 -3.57
CA ASN A 115 17.26 8.21 -2.85
C ASN A 115 16.32 7.02 -2.68
N MET A 116 16.76 5.82 -3.07
CA MET A 116 15.93 4.59 -2.97
C MET A 116 16.81 3.40 -2.62
N LEU A 117 16.31 2.55 -1.72
CA LEU A 117 17.09 1.46 -1.20
C LEU A 117 16.17 0.24 -1.09
N VAL A 118 16.61 -0.88 -1.66
CA VAL A 118 15.84 -2.13 -1.61
C VAL A 118 16.67 -3.26 -0.98
N HIS A 119 16.11 -3.83 0.08
CA HIS A 119 16.64 -4.99 0.73
C HIS A 119 15.81 -6.19 0.23
N SER A 120 16.43 -7.06 -0.57
CA SER A 120 15.70 -8.18 -1.16
C SER A 120 16.51 -9.46 -1.00
N LEU A 121 16.87 -9.77 0.22
CA LEU A 121 17.74 -10.90 0.49
C LEU A 121 17.37 -11.54 1.82
N ALA A 122 17.75 -12.81 1.95
CA ALA A 122 17.60 -13.55 3.19
C ALA A 122 18.51 -14.75 3.11
N ASN A 123 18.88 -15.28 4.26
CA ASN A 123 19.64 -16.54 4.27
C ASN A 123 19.48 -17.16 5.65
N ALA A 124 19.55 -18.49 5.72
CA ALA A 124 19.43 -19.19 7.00
C ALA A 124 20.02 -20.55 6.75
N LYS A 125 21.13 -20.86 7.41
CA LYS A 125 21.86 -22.08 7.10
C LYS A 125 21.09 -23.34 7.51
N GLU A 126 20.13 -23.21 8.42
CA GLU A 126 19.34 -24.37 8.86
C GLU A 126 17.85 -24.31 8.45
N VAL A 127 17.55 -23.62 7.35
CA VAL A 127 16.16 -23.48 6.87
C VAL A 127 15.39 -24.81 6.74
N GLN A 128 16.11 -25.89 6.47
CA GLN A 128 15.52 -27.20 6.28
C GLN A 128 15.16 -27.92 7.60
N LYS A 129 15.49 -27.30 8.72
CA LYS A 129 15.15 -27.88 10.02
C LYS A 129 13.99 -27.11 10.61
N ASP A 130 13.18 -27.83 11.39
N ASP A 130 13.12 -27.80 11.34
CA ASP A 130 12.11 -27.23 12.18
CA ASP A 130 12.06 -27.08 12.01
C ASP A 130 12.71 -26.25 13.18
C ASP A 130 12.66 -26.27 13.16
N LEU A 131 11.92 -25.24 13.57
CA LEU A 131 12.41 -24.29 14.56
C LEU A 131 12.92 -25.01 15.80
N LEU A 132 12.19 -26.03 16.24
CA LEU A 132 12.52 -26.73 17.49
C LEU A 132 13.88 -27.40 17.40
N ASN A 133 14.26 -27.81 16.19
CA ASN A 133 15.54 -28.48 15.95
C ASN A 133 16.65 -27.58 15.40
N THR A 134 16.40 -26.27 15.39
CA THR A 134 17.38 -25.29 14.92
C THR A 134 18.40 -24.99 16.02
N SER A 135 19.67 -24.97 15.66
CA SER A 135 20.76 -24.72 16.63
C SER A 135 20.93 -23.22 16.89
N ARG A 136 21.62 -22.87 17.97
CA ARG A 136 21.82 -21.48 18.29
C ARG A 136 22.54 -20.76 17.13
N LYS A 137 23.60 -21.39 16.62
CA LYS A 137 24.34 -20.81 15.49
C LYS A 137 23.44 -20.68 14.24
N GLY A 138 22.63 -21.68 13.97
CA GLY A 138 21.70 -21.66 12.83
C GLY A 138 20.70 -20.50 12.97
N TYR A 139 20.09 -20.36 14.14
CA TYR A 139 19.05 -19.38 14.39
C TYR A 139 19.62 -17.97 14.24
N LEU A 140 20.78 -17.77 14.87
CA LEU A 140 21.45 -16.47 14.83
C LEU A 140 21.94 -16.10 13.44
N ASP A 141 22.35 -17.10 12.66
CA ASP A 141 22.67 -16.87 11.24
C ASP A 141 21.46 -16.31 10.47
N ALA A 142 20.29 -16.92 10.63
CA ALA A 142 19.06 -16.44 10.03
C ALA A 142 18.82 -14.98 10.38
N LEU A 143 18.85 -14.68 11.67
CA LEU A 143 18.63 -13.29 12.15
C LEU A 143 19.73 -12.33 11.64
N SER A 144 20.97 -12.81 11.58
CA SER A 144 22.10 -11.97 11.16
C SER A 144 21.95 -11.59 9.70
N LYS A 145 21.71 -12.59 8.87
CA LYS A 145 21.64 -12.39 7.43
C LYS A 145 20.36 -11.75 6.95
N SER A 146 19.24 -12.10 7.60
CA SER A 146 17.93 -11.76 7.09
C SER A 146 17.30 -10.52 7.75
N SER A 147 17.73 -10.18 8.97
CA SER A 147 17.09 -9.14 9.78
C SER A 147 18.10 -8.04 10.10
N TYR A 148 19.19 -8.41 10.78
CA TYR A 148 20.18 -7.39 11.16
C TYR A 148 20.75 -6.68 9.93
N SER A 149 20.87 -7.40 8.82
CA SER A 149 21.39 -6.83 7.57
C SER A 149 20.59 -5.57 7.12
N LEU A 150 19.29 -5.54 7.44
CA LEU A 150 18.46 -4.40 7.13
C LEU A 150 18.85 -3.18 7.95
N ILE A 151 19.01 -3.40 9.25
CA ILE A 151 19.47 -2.33 10.14
C ILE A 151 20.82 -1.77 9.69
N SER A 152 21.78 -2.66 9.44
CA SER A 152 23.13 -2.22 8.99
C SER A 152 23.07 -1.45 7.66
N LEU A 153 22.28 -1.97 6.70
CA LEU A 153 22.08 -1.30 5.43
C LEU A 153 21.60 0.12 5.68
N CYS A 154 20.61 0.28 6.57
CA CYS A 154 20.10 1.63 6.89
C CYS A 154 21.18 2.49 7.53
N LYS A 155 21.85 1.94 8.51
CA LYS A 155 22.86 2.68 9.28
C LYS A 155 23.94 3.26 8.34
N TYR A 156 24.43 2.45 7.41
CA TYR A 156 25.49 2.90 6.50
C TYR A 156 24.99 3.66 5.28
N PHE A 157 23.79 3.33 4.80
CA PHE A 157 23.28 4.01 3.62
C PHE A 157 22.62 5.38 3.87
N VAL A 158 22.15 5.65 5.07
CA VAL A 158 21.48 6.93 5.29
C VAL A 158 22.44 8.09 5.06
N ASN A 159 23.71 7.90 5.36
CA ASN A 159 24.73 8.91 5.06
C ASN A 159 24.83 9.31 3.59
N ILE A 160 24.45 8.41 2.69
CA ILE A 160 24.52 8.66 1.27
C ILE A 160 23.17 8.83 0.59
N MET A 161 22.15 9.09 1.39
CA MET A 161 20.81 9.25 0.87
C MET A 161 20.31 10.68 1.03
N LYS A 162 19.43 11.12 0.14
CA LYS A 162 18.81 12.44 0.26
C LYS A 162 17.65 12.46 1.25
N PRO A 163 17.33 13.65 1.80
CA PRO A 163 16.11 13.75 2.60
C PRO A 163 14.93 13.31 1.76
N GLN A 164 13.89 12.77 2.41
CA GLN A 164 12.72 12.26 1.70
C GLN A 164 13.00 10.99 0.87
N SER A 165 14.08 10.29 1.18
CA SER A 165 14.39 9.01 0.54
C SER A 165 13.48 7.91 1.10
N SER A 166 13.47 6.74 0.45
CA SER A 166 12.58 5.67 0.84
C SER A 166 13.29 4.32 0.74
N ILE A 167 12.96 3.43 1.67
CA ILE A 167 13.60 2.12 1.80
C ILE A 167 12.51 1.03 1.89
N ILE A 168 12.73 -0.10 1.21
CA ILE A 168 11.83 -1.23 1.41
C ILE A 168 12.61 -2.53 1.57
N SER A 169 11.97 -3.50 2.22
CA SER A 169 12.46 -4.86 2.31
C SER A 169 11.28 -5.80 1.99
N LEU A 170 11.57 -7.09 1.96
CA LEU A 170 10.54 -8.09 1.65
C LEU A 170 10.42 -9.06 2.84
N THR A 171 9.19 -9.39 3.20
CA THR A 171 8.94 -10.31 4.30
C THR A 171 7.94 -11.40 3.82
N TYR A 172 7.55 -12.28 4.75
CA TYR A 172 6.60 -13.34 4.43
C TYR A 172 5.74 -13.59 5.67
N HIS A 173 4.47 -13.95 5.42
CA HIS A 173 3.41 -14.05 6.45
C HIS A 173 3.67 -15.13 7.52
N ALA A 174 4.67 -16.01 7.29
CA ALA A 174 5.12 -16.98 8.30
C ALA A 174 5.58 -16.34 9.61
N SER A 175 5.92 -15.06 9.57
CA SER A 175 6.22 -14.30 10.78
C SER A 175 4.99 -14.20 11.70
N GLN A 176 3.80 -14.18 11.08
CA GLN A 176 2.56 -13.90 11.81
C GLN A 176 1.69 -15.14 12.02
N LYS A 177 1.73 -16.07 11.08
CA LYS A 177 0.98 -17.32 11.15
C LYS A 177 1.90 -18.49 10.78
N VAL A 178 1.61 -19.66 11.32
CA VAL A 178 2.53 -20.77 11.21
C VAL A 178 2.53 -21.36 9.81
N VAL A 179 3.72 -21.42 9.24
CA VAL A 179 4.00 -22.11 7.98
C VAL A 179 5.01 -23.21 8.28
N PRO A 180 4.51 -24.45 8.42
CA PRO A 180 5.39 -25.59 8.61
C PRO A 180 6.25 -25.67 7.35
N GLY A 181 7.52 -25.95 7.49
CA GLY A 181 8.37 -25.93 6.31
C GLY A 181 9.26 -24.70 6.32
N TYR A 182 8.78 -23.58 6.90
CA TYR A 182 9.55 -22.31 6.84
C TYR A 182 10.45 -22.30 8.07
N GLY A 183 11.51 -23.12 8.02
CA GLY A 183 12.32 -23.43 9.20
C GLY A 183 13.57 -22.59 9.43
N GLY A 184 14.43 -23.08 10.35
CA GLY A 184 15.77 -22.50 10.58
C GLY A 184 15.79 -21.12 11.22
N GLY A 185 14.62 -20.67 11.72
CA GLY A 185 14.52 -19.34 12.29
C GLY A 185 14.19 -18.26 11.26
N MET A 186 13.90 -18.65 10.02
CA MET A 186 13.40 -17.69 9.01
C MET A 186 12.10 -17.01 9.43
N SER A 187 11.23 -17.76 10.11
CA SER A 187 9.97 -17.20 10.62
C SER A 187 10.31 -16.13 11.65
N SER A 188 11.23 -16.46 12.56
CA SER A 188 11.72 -15.55 13.58
C SER A 188 12.36 -14.31 12.96
N ALA A 189 13.18 -14.51 11.93
CA ALA A 189 13.91 -13.39 11.28
C ALA A 189 12.89 -12.42 10.65
N LYS A 190 11.85 -12.97 10.05
CA LYS A 190 10.82 -12.14 9.38
C LYS A 190 9.97 -11.38 10.42
N ALA A 191 9.72 -12.00 11.57
CA ALA A 191 9.00 -11.31 12.67
C ALA A 191 9.84 -10.12 13.13
N ALA A 192 11.17 -10.35 13.24
CA ALA A 192 12.06 -9.30 13.72
C ALA A 192 12.14 -8.18 12.67
N LEU A 193 12.23 -8.55 11.39
CA LEU A 193 12.27 -7.58 10.28
C LEU A 193 11.04 -6.65 10.29
N GLU A 194 9.85 -7.23 10.48
CA GLU A 194 8.61 -6.44 10.49
C GLU A 194 8.55 -5.49 11.68
N SER A 195 9.04 -5.94 12.83
CA SER A 195 9.10 -5.09 14.01
C SER A 195 10.16 -3.97 13.83
N ASP A 196 11.34 -4.35 13.36
CA ASP A 196 12.44 -3.42 13.10
C ASP A 196 12.03 -2.35 12.08
N THR A 197 11.21 -2.75 11.10
CA THR A 197 10.71 -1.80 10.12
C THR A 197 9.97 -0.64 10.83
N ARG A 198 9.16 -0.97 11.85
CA ARG A 198 8.48 0.05 12.62
C ARG A 198 9.46 0.92 13.39
N VAL A 199 10.35 0.30 14.14
CA VAL A 199 11.30 1.07 14.99
C VAL A 199 12.22 1.97 14.12
N LEU A 200 12.71 1.39 13.03
CA LEU A 200 13.50 2.19 12.09
C LEU A 200 12.70 3.34 11.46
N ALA A 201 11.41 3.10 11.19
CA ALA A 201 10.56 4.17 10.63
C ALA A 201 10.50 5.38 11.57
N TYR A 202 10.37 5.11 12.87
CA TYR A 202 10.43 6.16 13.90
C TYR A 202 11.78 6.91 13.86
N HIS A 203 12.91 6.19 13.96
CA HIS A 203 14.24 6.82 13.95
C HIS A 203 14.54 7.57 12.63
N LEU A 204 14.33 6.92 11.49
CA LEU A 204 14.63 7.51 10.20
C LEU A 204 13.66 8.64 9.84
N GLY A 205 12.40 8.54 10.27
CA GLY A 205 11.38 9.55 9.98
C GLY A 205 11.64 10.84 10.76
N ARG A 206 11.83 10.70 12.06
CA ARG A 206 12.10 11.86 12.91
C ARG A 206 13.43 12.54 12.61
N ASN A 207 14.48 11.74 12.40
CA ASN A 207 15.82 12.29 12.22
C ASN A 207 16.15 12.74 10.82
N TYR A 208 15.67 12.02 9.80
CA TYR A 208 16.13 12.26 8.44
C TYR A 208 15.01 12.45 7.47
N ASN A 209 13.78 12.29 7.95
CA ASN A 209 12.61 12.39 7.09
C ASN A 209 12.64 11.30 6.01
N ILE A 210 13.16 10.13 6.37
CA ILE A 210 13.27 9.02 5.43
C ILE A 210 12.23 7.97 5.81
N ARG A 211 11.61 7.36 4.82
CA ARG A 211 10.56 6.37 5.06
C ARG A 211 11.09 4.96 4.89
N ILE A 212 10.48 4.01 5.59
CA ILE A 212 10.83 2.60 5.43
C ILE A 212 9.56 1.76 5.60
N ASN A 213 9.33 0.84 4.65
CA ASN A 213 8.21 -0.08 4.69
C ASN A 213 8.69 -1.48 4.30
N THR A 214 7.83 -2.49 4.47
CA THR A 214 8.19 -3.87 4.07
C THR A 214 7.01 -4.48 3.31
N ILE A 215 7.30 -5.22 2.27
CA ILE A 215 6.25 -5.82 1.45
C ILE A 215 6.19 -7.32 1.82
N SER A 216 5.03 -7.76 2.29
CA SER A 216 4.86 -9.18 2.55
C SER A 216 4.35 -9.81 1.25
N ALA A 217 5.27 -10.46 0.54
CA ALA A 217 4.95 -11.08 -0.77
C ALA A 217 4.38 -12.49 -0.66
N GLY A 218 3.54 -12.87 -1.62
CA GLY A 218 3.14 -14.27 -1.77
C GLY A 218 4.24 -15.07 -2.44
N PRO A 219 3.97 -16.37 -2.68
CA PRO A 219 5.02 -17.28 -3.17
C PRO A 219 5.43 -17.07 -4.63
N LEU A 220 6.73 -17.17 -4.86
CA LEU A 220 7.30 -17.05 -6.21
C LEU A 220 8.40 -18.08 -6.31
N LYS A 221 8.46 -18.77 -7.45
CA LYS A 221 9.44 -19.82 -7.63
C LYS A 221 10.83 -19.25 -7.95
N SER A 222 11.46 -18.65 -6.94
CA SER A 222 12.79 -18.06 -7.08
C SER A 222 13.84 -19.13 -6.74
N ARG A 223 15.12 -18.80 -6.92
CA ARG A 223 16.17 -19.75 -6.53
C ARG A 223 16.07 -20.11 -5.06
N ALA A 224 16.01 -19.11 -4.18
CA ALA A 224 15.95 -19.39 -2.75
C ALA A 224 14.75 -20.26 -2.36
N ALA A 225 13.58 -19.93 -2.91
CA ALA A 225 12.37 -20.68 -2.60
C ALA A 225 12.56 -22.18 -2.84
N THR A 226 13.35 -22.51 -3.85
CA THR A 226 13.62 -23.90 -4.19
C THR A 226 14.26 -24.65 -3.03
N ALA A 227 15.00 -23.92 -2.21
CA ALA A 227 15.73 -24.52 -1.10
C ALA A 227 14.87 -24.95 0.08
N ILE A 228 13.65 -24.41 0.19
CA ILE A 228 12.79 -24.79 1.31
C ILE A 228 12.18 -26.19 1.13
N ASN A 229 12.17 -26.97 2.22
CA ASN A 229 11.39 -28.23 2.29
C ASN A 229 10.33 -28.10 3.38
N THR A 272 9.74 -29.02 -3.28
CA THR A 272 8.38 -28.76 -3.68
C THR A 272 7.56 -28.05 -2.61
N PHE A 273 8.22 -27.54 -1.57
CA PHE A 273 7.54 -26.68 -0.62
C PHE A 273 6.96 -25.47 -1.37
N ILE A 274 7.76 -24.91 -2.29
CA ILE A 274 7.31 -23.79 -3.12
C ILE A 274 6.25 -24.18 -4.13
N ASP A 275 6.35 -25.39 -4.68
CA ASP A 275 5.32 -25.88 -5.58
C ASP A 275 3.97 -25.98 -4.89
N TYR A 276 3.98 -26.53 -3.68
CA TYR A 276 2.79 -26.56 -2.82
C TYR A 276 2.21 -25.15 -2.52
N ALA A 277 3.08 -24.23 -2.08
CA ALA A 277 2.64 -22.88 -1.71
C ALA A 277 1.99 -22.20 -2.88
N ILE A 278 2.56 -22.36 -4.07
CA ILE A 278 2.06 -21.67 -5.26
C ILE A 278 0.71 -22.25 -5.64
N GLU A 279 0.64 -23.58 -5.61
CA GLU A 279 -0.60 -24.26 -5.99
C GLU A 279 -1.73 -23.86 -5.04
N TYR A 280 -1.42 -23.81 -3.75
CA TYR A 280 -2.39 -23.46 -2.72
C TYR A 280 -2.87 -22.00 -2.89
N SER A 281 -1.92 -21.08 -3.07
CA SER A 281 -2.22 -19.65 -3.34
C SER A 281 -3.10 -19.46 -4.59
N GLU A 282 -2.74 -20.13 -5.69
CA GLU A 282 -3.52 -20.01 -6.92
C GLU A 282 -4.91 -20.63 -6.79
N LYS A 283 -5.07 -21.54 -5.85
CA LYS A 283 -6.37 -22.19 -5.66
C LYS A 283 -7.27 -21.44 -4.66
N TYR A 284 -6.69 -20.91 -3.60
CA TYR A 284 -7.47 -20.41 -2.48
C TYR A 284 -7.47 -18.90 -2.28
N ALA A 285 -6.49 -18.19 -2.89
CA ALA A 285 -6.44 -16.72 -2.76
C ALA A 285 -7.73 -16.11 -3.37
N PRO A 286 -8.20 -14.95 -2.82
CA PRO A 286 -9.32 -14.20 -3.45
C PRO A 286 -9.14 -13.97 -4.95
N LEU A 287 -7.91 -13.60 -5.34
CA LEU A 287 -7.55 -13.40 -6.74
C LEU A 287 -6.79 -14.61 -7.27
N ARG A 288 -7.44 -15.31 -8.19
CA ARG A 288 -6.90 -16.53 -8.80
C ARG A 288 -6.21 -16.15 -10.09
N GLN A 289 -4.93 -15.79 -9.94
CA GLN A 289 -4.13 -15.32 -11.06
C GLN A 289 -2.70 -15.57 -10.60
N LYS A 290 -1.79 -15.81 -11.53
CA LYS A 290 -0.40 -16.10 -11.18
C LYS A 290 0.29 -14.86 -10.61
N LEU A 291 0.89 -15.00 -9.43
CA LEU A 291 1.57 -13.86 -8.81
C LEU A 291 2.92 -13.71 -9.53
N LEU A 292 3.21 -12.52 -10.05
CA LEU A 292 4.44 -12.24 -10.80
C LEU A 292 5.43 -11.42 -9.98
N SER A 293 6.74 -11.59 -10.22
CA SER A 293 7.71 -10.70 -9.55
C SER A 293 7.38 -9.21 -9.79
N THR A 294 6.94 -8.86 -11.00
CA THR A 294 6.65 -7.46 -11.29
C THR A 294 5.37 -6.95 -10.58
N ASP A 295 4.52 -7.87 -10.09
CA ASP A 295 3.36 -7.47 -9.24
C ASP A 295 3.88 -6.88 -7.93
N ILE A 296 4.93 -7.49 -7.37
CA ILE A 296 5.60 -6.95 -6.19
C ILE A 296 6.41 -5.71 -6.61
N GLY A 297 7.00 -5.74 -7.82
CA GLY A 297 7.81 -4.61 -8.33
C GLY A 297 7.03 -3.31 -8.43
N SER A 298 5.80 -3.39 -8.92
CA SER A 298 4.98 -2.20 -9.07
C SER A 298 4.60 -1.60 -7.71
N VAL A 299 4.39 -2.45 -6.70
CA VAL A 299 4.12 -1.94 -5.35
C VAL A 299 5.38 -1.33 -4.76
N ALA A 300 6.53 -2.00 -4.96
CA ALA A 300 7.79 -1.44 -4.49
C ALA A 300 8.06 -0.06 -5.09
N SER A 301 7.88 0.07 -6.39
CA SER A 301 8.04 1.32 -7.11
C SER A 301 7.18 2.45 -6.54
N PHE A 302 5.93 2.12 -6.22
CA PHE A 302 5.05 3.08 -5.57
C PHE A 302 5.58 3.48 -4.17
N LEU A 303 5.94 2.49 -3.34
CA LEU A 303 6.42 2.80 -2.00
C LEU A 303 7.74 3.57 -1.97
N LEU A 304 8.54 3.39 -3.02
CA LEU A 304 9.83 4.10 -3.15
C LEU A 304 9.66 5.50 -3.76
N SER A 305 8.51 5.77 -4.35
CA SER A 305 8.26 7.10 -4.94
C SER A 305 7.65 8.07 -3.93
N ARG A 306 7.64 9.37 -4.29
CA ARG A 306 7.01 10.40 -3.49
C ARG A 306 5.47 10.26 -3.36
N GLU A 307 4.85 9.46 -4.24
CA GLU A 307 3.40 9.20 -4.20
C GLU A 307 2.92 8.64 -2.86
N SER A 308 3.81 7.94 -2.16
CA SER A 308 3.49 7.31 -0.89
C SER A 308 4.14 8.02 0.29
N ARG A 309 4.36 9.33 0.16
CA ARG A 309 4.97 10.15 1.22
C ARG A 309 4.34 10.10 2.62
N ALA A 310 3.08 9.67 2.76
CA ALA A 310 2.45 9.57 4.06
C ALA A 310 2.43 8.13 4.61
N ILE A 311 3.14 7.20 3.97
CA ILE A 311 3.18 5.80 4.41
C ILE A 311 4.56 5.42 4.93
N THR A 312 4.62 4.99 6.19
CA THR A 312 5.91 4.55 6.74
C THR A 312 5.71 3.56 7.88
N GLY A 313 6.67 2.66 8.07
CA GLY A 313 6.60 1.67 9.17
C GLY A 313 5.63 0.52 8.92
N GLN A 314 5.12 0.40 7.69
CA GLN A 314 4.03 -0.55 7.39
C GLN A 314 4.52 -1.87 6.76
N THR A 315 3.77 -2.95 7.03
CA THR A 315 3.91 -4.21 6.30
C THR A 315 2.74 -4.26 5.32
N ILE A 316 3.04 -4.15 4.04
CA ILE A 316 2.02 -4.14 2.98
C ILE A 316 1.99 -5.51 2.29
N TYR A 317 0.80 -6.13 2.27
CA TYR A 317 0.64 -7.46 1.71
C TYR A 317 0.39 -7.39 0.21
N VAL A 318 1.23 -8.12 -0.53
CA VAL A 318 1.12 -8.19 -1.98
C VAL A 318 1.15 -9.69 -2.33
N ASP A 319 -0.02 -10.32 -2.22
CA ASP A 319 -0.12 -11.77 -2.20
C ASP A 319 -1.46 -12.27 -2.73
N ASN A 320 -2.12 -11.45 -3.55
CA ASN A 320 -3.43 -11.83 -4.13
C ASN A 320 -4.50 -12.00 -3.08
N GLY A 321 -4.24 -11.46 -1.87
CA GLY A 321 -5.19 -11.49 -0.78
C GLY A 321 -5.17 -12.74 0.07
N LEU A 322 -4.22 -13.67 -0.17
CA LEU A 322 -4.27 -14.97 0.54
C LEU A 322 -4.24 -14.77 2.06
N ASN A 323 -3.53 -13.75 2.55
CA ASN A 323 -3.39 -13.57 4.00
C ASN A 323 -4.72 -13.37 4.73
N ILE A 324 -5.77 -12.94 4.01
CA ILE A 324 -7.05 -12.60 4.67
C ILE A 324 -7.93 -13.82 4.96
N MET A 325 -7.58 -14.97 4.36
CA MET A 325 -8.43 -16.16 4.44
C MET A 325 -8.21 -16.91 5.75
N PHE A 326 -9.25 -17.51 6.32
CA PHE A 326 -9.03 -18.38 7.48
C PHE A 326 -9.15 -19.83 7.03
N LEU A 327 -10.33 -20.18 6.53
CA LEU A 327 -10.65 -21.55 6.17
C LEU A 327 -10.71 -21.64 4.65
N PRO A 328 -9.95 -22.60 4.07
CA PRO A 328 -10.11 -22.93 2.63
C PRO A 328 -11.55 -23.32 2.33
N ASP A 329 -12.07 -22.88 1.19
CA ASP A 329 -13.47 -23.05 0.80
C ASP A 329 -13.64 -24.25 -0.14
N ASN B 1 -7.18 5.51 -21.88
CA ASN B 1 -8.44 5.17 -22.60
C ASN B 1 -9.53 4.70 -21.63
N GLU B 2 -10.31 5.67 -21.17
CA GLU B 2 -11.53 5.39 -20.39
C GLU B 2 -11.34 4.76 -19.00
N ASP B 3 -10.48 5.34 -18.18
CA ASP B 3 -10.61 5.10 -16.75
C ASP B 3 -11.68 6.06 -16.26
N ILE B 4 -12.72 5.51 -15.63
CA ILE B 4 -13.80 6.31 -15.01
C ILE B 4 -13.98 5.87 -13.56
N CYS B 5 -14.07 6.86 -12.68
CA CYS B 5 -14.23 6.60 -11.26
C CYS B 5 -15.47 7.31 -10.70
N PHE B 6 -16.29 6.59 -9.95
CA PHE B 6 -17.37 7.24 -9.20
C PHE B 6 -16.91 7.46 -7.77
N ILE B 7 -16.95 8.71 -7.33
CA ILE B 7 -16.60 9.06 -5.96
C ILE B 7 -17.88 9.41 -5.18
N ALA B 8 -18.25 8.52 -4.27
CA ALA B 8 -19.42 8.66 -3.43
C ALA B 8 -18.99 9.31 -2.11
N GLY B 9 -19.35 10.58 -1.91
CA GLY B 9 -19.04 11.30 -0.67
C GLY B 9 -18.16 12.52 -0.88
N ILE B 10 -18.67 13.49 -1.62
CA ILE B 10 -18.00 14.78 -1.81
C ILE B 10 -19.06 15.83 -1.53
N GLY B 11 -18.75 16.83 -0.71
CA GLY B 11 -19.71 17.89 -0.35
C GLY B 11 -19.10 19.28 -0.45
N ASP B 12 -17.78 19.32 -0.68
CA ASP B 12 -17.01 20.54 -0.74
C ASP B 12 -15.58 20.13 -1.11
N THR B 13 -14.64 21.06 -0.98
CA THR B 13 -13.28 20.81 -1.39
C THR B 13 -12.33 20.58 -0.21
N ASN B 14 -12.88 20.39 0.99
CA ASN B 14 -12.10 20.30 2.22
C ASN B 14 -11.88 18.90 2.81
N GLY B 15 -12.45 17.90 2.16
CA GLY B 15 -12.35 16.54 2.65
C GLY B 15 -11.48 15.64 1.78
N TYR B 16 -11.46 14.35 2.13
CA TYR B 16 -10.66 13.38 1.38
C TYR B 16 -11.18 13.11 -0.03
N GLY B 17 -12.49 13.12 -0.21
CA GLY B 17 -13.06 12.91 -1.57
C GLY B 17 -12.46 13.85 -2.62
N TRP B 18 -12.34 15.13 -2.27
CA TRP B 18 -11.74 16.12 -3.19
C TRP B 18 -10.25 15.83 -3.49
N GLY B 19 -9.51 15.49 -2.43
CA GLY B 19 -8.10 15.14 -2.58
C GLY B 19 -7.93 13.93 -3.49
N ILE B 20 -8.86 12.98 -3.37
CA ILE B 20 -8.82 11.78 -4.22
C ILE B 20 -9.17 12.19 -5.67
N ALA B 21 -10.18 13.06 -5.83
CA ALA B 21 -10.55 13.54 -7.17
C ALA B 21 -9.37 14.22 -7.89
N LYS B 22 -8.68 15.10 -7.16
CA LYS B 22 -7.58 15.87 -7.68
C LYS B 22 -6.44 14.97 -8.18
N GLU B 23 -6.06 13.99 -7.37
CA GLU B 23 -4.98 13.07 -7.73
C GLU B 23 -5.34 12.15 -8.88
N LEU B 24 -6.59 11.70 -8.92
CA LEU B 24 -7.04 10.88 -10.03
C LEU B 24 -7.07 11.69 -11.33
N SER B 25 -7.56 12.92 -11.23
CA SER B 25 -7.65 13.82 -12.36
C SER B 25 -6.25 14.02 -12.96
N LYS B 26 -5.23 14.16 -12.09
CA LYS B 26 -3.81 14.18 -12.49
C LYS B 26 -3.41 13.06 -13.41
N ARG B 27 -4.03 11.90 -13.24
CA ARG B 27 -3.71 10.74 -14.03
C ARG B 27 -4.70 10.57 -15.16
N ASN B 28 -5.46 11.63 -15.49
CA ASN B 28 -6.44 11.58 -16.59
C ASN B 28 -7.59 10.59 -16.41
N VAL B 29 -7.91 10.27 -15.16
CA VAL B 29 -9.10 9.48 -14.87
C VAL B 29 -10.32 10.42 -14.92
N LYS B 30 -11.40 9.98 -15.55
CA LYS B 30 -12.61 10.81 -15.57
C LYS B 30 -13.35 10.58 -14.27
N ILE B 31 -13.78 11.67 -13.64
CA ILE B 31 -14.38 11.56 -12.30
C ILE B 31 -15.88 11.96 -12.30
N ILE B 32 -16.70 11.17 -11.61
CA ILE B 32 -18.12 11.43 -11.42
C ILE B 32 -18.37 11.55 -9.91
N PHE B 33 -18.96 12.67 -9.49
CA PHE B 33 -19.22 12.94 -8.07
C PHE B 33 -20.62 12.47 -7.68
N GLY B 34 -20.71 11.83 -6.51
CA GLY B 34 -21.98 11.45 -5.92
C GLY B 34 -22.14 12.36 -4.71
N ILE B 35 -23.12 13.25 -4.79
CA ILE B 35 -23.28 14.27 -3.78
C ILE B 35 -24.57 14.10 -2.99
N TRP B 36 -24.46 14.12 -1.67
CA TRP B 36 -25.60 13.84 -0.77
C TRP B 36 -26.62 14.98 -0.91
N PRO B 37 -27.91 14.63 -1.07
CA PRO B 37 -28.90 15.68 -1.37
C PRO B 37 -28.99 16.86 -0.40
N PRO B 38 -28.76 16.66 0.91
CA PRO B 38 -28.75 17.86 1.75
C PRO B 38 -27.74 18.96 1.35
N VAL B 39 -26.64 18.60 0.68
CA VAL B 39 -25.62 19.61 0.34
C VAL B 39 -25.48 19.84 -1.17
N TYR B 40 -26.24 19.07 -1.94
CA TYR B 40 -26.14 19.02 -3.39
C TYR B 40 -26.32 20.37 -4.10
N ASN B 41 -27.39 21.09 -3.75
CA ASN B 41 -27.68 22.36 -4.43
C ASN B 41 -26.73 23.49 -4.05
N ILE B 42 -26.27 23.48 -2.80
CA ILE B 42 -25.24 24.42 -2.38
C ILE B 42 -23.92 24.11 -3.08
N PHE B 43 -23.58 22.81 -3.17
CA PHE B 43 -22.40 22.39 -3.93
C PHE B 43 -22.44 22.88 -5.39
N MET B 44 -23.54 22.61 -6.09
CA MET B 44 -23.67 23.00 -7.50
C MET B 44 -23.58 24.51 -7.69
N LYS B 45 -24.25 25.27 -6.81
CA LYS B 45 -24.24 26.74 -6.88
C LYS B 45 -22.84 27.29 -6.68
N ASN B 46 -22.14 26.79 -5.65
CA ASN B 46 -20.73 27.14 -5.46
C ASN B 46 -19.88 26.82 -6.69
N TYR B 47 -20.10 25.64 -7.28
CA TYR B 47 -19.31 25.21 -8.43
C TYR B 47 -19.52 26.15 -9.61
N LYS B 48 -20.80 26.40 -9.91
CA LYS B 48 -21.23 27.30 -10.99
C LYS B 48 -20.73 28.75 -10.84
N ASN B 49 -20.75 29.27 -9.62
CA ASN B 49 -20.22 30.60 -9.33
C ASN B 49 -18.70 30.66 -9.28
N GLY B 50 -18.06 29.56 -9.67
CA GLY B 50 -16.60 29.48 -9.71
C GLY B 50 -15.89 29.49 -8.36
N LYS B 51 -16.61 29.17 -7.28
CA LYS B 51 -16.03 29.11 -5.93
C LYS B 51 -14.90 28.06 -5.79
N PHE B 52 -14.93 27.02 -6.63
CA PHE B 52 -13.97 25.92 -6.49
C PHE B 52 -12.80 26.01 -7.51
N ASP B 53 -12.84 27.04 -8.35
CA ASP B 53 -11.86 27.24 -9.42
C ASP B 53 -10.40 27.17 -8.97
N ASN B 54 -10.08 27.86 -7.87
CA ASN B 54 -8.72 27.80 -7.34
C ASN B 54 -8.41 26.38 -6.86
N ASP B 55 -9.35 25.76 -6.15
CA ASP B 55 -9.19 24.40 -5.64
C ASP B 55 -9.04 23.32 -6.72
N MET B 56 -9.47 23.65 -7.94
CA MET B 56 -9.37 22.74 -9.08
C MET B 56 -8.04 22.84 -9.82
N ILE B 57 -7.25 23.86 -9.50
CA ILE B 57 -5.91 24.00 -10.08
C ILE B 57 -4.98 22.88 -9.61
N ILE B 58 -4.49 22.07 -10.54
CA ILE B 58 -3.51 21.04 -10.22
C ILE B 58 -2.10 21.67 -10.11
N ASP B 59 -1.52 22.09 -11.23
CA ASP B 59 -0.19 22.73 -11.18
C ASP B 59 -0.15 24.11 -11.87
N LYS B 60 -1.33 24.68 -12.12
CA LYS B 60 -1.48 25.96 -12.85
C LYS B 60 -1.14 25.85 -14.34
N ASP B 61 -0.68 24.68 -14.76
CA ASP B 61 -0.61 24.34 -16.17
C ASP B 61 -1.54 23.17 -16.43
N LYS B 62 -2.34 22.85 -15.41
CA LYS B 62 -3.33 21.75 -15.46
C LYS B 62 -4.40 21.93 -14.39
N LYS B 63 -5.66 21.79 -14.79
CA LYS B 63 -6.79 21.89 -13.84
C LYS B 63 -7.72 20.68 -13.90
N MET B 64 -8.30 20.33 -12.75
CA MET B 64 -9.20 19.18 -12.65
CA MET B 64 -9.20 19.18 -12.65
C MET B 64 -10.29 19.26 -13.70
N ASN B 65 -10.69 18.11 -14.25
CA ASN B 65 -11.84 18.04 -15.13
C ASN B 65 -12.78 17.01 -14.51
N ILE B 66 -14.06 17.38 -14.40
CA ILE B 66 -15.08 16.57 -13.74
C ILE B 66 -16.12 16.16 -14.77
N LEU B 67 -16.32 14.85 -14.94
CA LEU B 67 -17.23 14.36 -15.95
C LEU B 67 -18.69 14.62 -15.61
N ASP B 68 -19.06 14.50 -14.34
CA ASP B 68 -20.47 14.60 -13.95
C ASP B 68 -20.62 14.71 -12.42
N MET B 69 -21.77 15.22 -11.99
CA MET B 69 -22.07 15.45 -10.59
C MET B 69 -23.50 15.04 -10.37
N LEU B 70 -23.72 14.04 -9.52
CA LEU B 70 -25.01 13.38 -9.42
C LEU B 70 -25.45 13.38 -7.96
N PRO B 71 -26.76 13.64 -7.70
CA PRO B 71 -27.29 13.51 -6.33
C PRO B 71 -27.26 12.04 -5.94
N PHE B 72 -26.87 11.78 -4.69
CA PHE B 72 -26.64 10.40 -4.28
C PHE B 72 -26.83 10.26 -2.78
N ASP B 73 -27.64 9.27 -2.37
CA ASP B 73 -27.82 9.03 -0.95
C ASP B 73 -27.62 7.57 -0.67
N ALA B 74 -26.51 7.27 0.03
CA ALA B 74 -26.11 5.88 0.33
C ALA B 74 -26.97 5.22 1.42
N SER B 75 -27.95 5.95 1.96
CA SER B 75 -28.97 5.39 2.87
C SER B 75 -29.98 4.48 2.15
N PHE B 76 -30.12 4.68 0.84
CA PHE B 76 -31.19 4.00 0.10
C PHE B 76 -30.61 3.10 -0.96
N ASP B 77 -30.99 1.82 -0.92
CA ASP B 77 -30.46 0.86 -1.86
C ASP B 77 -31.19 0.95 -3.22
N THR B 78 -32.52 1.01 -3.17
CA THR B 78 -33.33 1.12 -4.39
C THR B 78 -34.44 2.14 -4.13
N ALA B 79 -35.08 2.55 -5.23
CA ALA B 79 -36.22 3.48 -5.21
C ALA B 79 -37.30 3.04 -4.23
N ASN B 80 -37.51 1.72 -4.14
CA ASN B 80 -38.52 1.14 -3.25
C ASN B 80 -38.16 1.28 -1.77
N ASP B 81 -36.89 1.57 -1.46
CA ASP B 81 -36.48 1.83 -0.07
C ASP B 81 -36.81 3.22 0.43
N ILE B 82 -37.08 4.15 -0.49
CA ILE B 82 -37.28 5.54 -0.07
C ILE B 82 -38.64 5.76 0.62
N ASP B 83 -38.62 6.12 1.91
CA ASP B 83 -39.89 6.45 2.61
C ASP B 83 -40.57 7.64 1.94
N GLU B 84 -41.91 7.68 2.01
CA GLU B 84 -42.69 8.81 1.47
C GLU B 84 -42.18 10.18 1.98
N GLU B 85 -41.79 10.25 3.25
CA GLU B 85 -41.40 11.53 3.83
C GLU B 85 -40.16 12.09 3.14
N THR B 86 -39.11 11.29 3.04
CA THR B 86 -37.88 11.71 2.35
C THR B 86 -38.20 12.13 0.90
N LYS B 87 -38.98 11.31 0.23
CA LYS B 87 -39.32 11.52 -1.18
C LYS B 87 -39.89 12.92 -1.41
N ASN B 88 -40.66 13.38 -0.43
CA ASN B 88 -41.33 14.65 -0.50
C ASN B 88 -40.65 15.79 0.27
N ASN B 89 -39.50 15.49 0.87
CA ASN B 89 -38.75 16.48 1.63
C ASN B 89 -38.23 17.63 0.74
N LYS B 90 -38.21 18.85 1.31
CA LYS B 90 -37.77 20.05 0.57
C LYS B 90 -36.50 19.86 -0.27
N ARG B 91 -35.52 19.15 0.26
CA ARG B 91 -34.26 18.99 -0.44
C ARG B 91 -34.22 17.80 -1.40
N TYR B 92 -35.09 16.81 -1.18
CA TYR B 92 -35.12 15.62 -2.05
C TYR B 92 -36.17 15.74 -3.16
N ASN B 93 -37.22 16.51 -2.91
CA ASN B 93 -38.35 16.59 -3.83
C ASN B 93 -37.96 16.89 -5.28
N MET B 94 -36.97 17.75 -5.51
CA MET B 94 -36.57 18.10 -6.88
C MET B 94 -35.53 17.16 -7.55
N LEU B 95 -35.11 16.11 -6.84
CA LEU B 95 -34.04 15.23 -7.30
C LEU B 95 -34.60 13.86 -7.67
N GLN B 96 -33.86 13.14 -8.51
CA GLN B 96 -34.25 11.83 -9.03
C GLN B 96 -33.04 10.90 -9.13
N ASN B 97 -33.26 9.59 -9.08
CA ASN B 97 -32.20 8.61 -9.43
C ASN B 97 -30.98 8.73 -8.53
N TYR B 98 -31.26 8.93 -7.24
CA TYR B 98 -30.26 9.18 -6.23
C TYR B 98 -30.01 7.98 -5.29
N THR B 99 -30.75 6.88 -5.44
CA THR B 99 -30.48 5.67 -4.68
C THR B 99 -29.28 4.95 -5.26
N ILE B 100 -28.73 3.97 -4.52
CA ILE B 100 -27.54 3.27 -4.97
C ILE B 100 -27.80 2.57 -6.31
N GLU B 101 -28.90 1.83 -6.44
CA GLU B 101 -29.18 1.11 -7.67
C GLU B 101 -29.44 2.10 -8.83
N ASP B 102 -30.23 3.13 -8.58
CA ASP B 102 -30.52 4.16 -9.61
C ASP B 102 -29.29 4.91 -10.13
N VAL B 103 -28.36 5.26 -9.23
CA VAL B 103 -27.19 5.97 -9.68
C VAL B 103 -26.30 5.06 -10.51
N ALA B 104 -26.19 3.79 -10.10
CA ALA B 104 -25.42 2.79 -10.89
C ALA B 104 -26.02 2.67 -12.32
N ASN B 105 -27.33 2.51 -12.40
CA ASN B 105 -28.05 2.44 -13.68
C ASN B 105 -27.85 3.68 -14.55
N LEU B 106 -28.02 4.84 -13.92
CA LEU B 106 -27.85 6.11 -14.61
C LEU B 106 -26.44 6.24 -15.18
N ILE B 107 -25.44 5.94 -14.35
CA ILE B 107 -24.06 6.03 -14.77
C ILE B 107 -23.83 5.11 -15.96
N HIS B 108 -24.32 3.88 -15.87
CA HIS B 108 -24.14 2.90 -16.92
C HIS B 108 -24.81 3.38 -18.23
N GLN B 109 -26.04 3.88 -18.11
CA GLN B 109 -26.78 4.33 -19.28
C GLN B 109 -26.01 5.43 -19.99
N LYS B 110 -25.40 6.34 -19.24
CA LYS B 110 -24.75 7.51 -19.79
C LYS B 110 -23.31 7.29 -20.27
N TYR B 111 -22.53 6.48 -19.54
CA TYR B 111 -21.10 6.36 -19.82
C TYR B 111 -20.63 4.92 -20.02
N GLY B 112 -21.54 3.96 -19.95
CA GLY B 112 -21.15 2.55 -19.97
C GLY B 112 -20.49 2.08 -18.66
N LYS B 113 -19.74 0.99 -18.75
CA LYS B 113 -19.05 0.46 -17.57
C LYS B 113 -17.90 1.30 -17.04
N ILE B 114 -17.71 1.24 -15.72
CA ILE B 114 -16.64 2.01 -15.09
C ILE B 114 -15.61 1.05 -14.47
N ASN B 115 -14.47 1.55 -14.00
CA ASN B 115 -13.48 0.61 -13.45
C ASN B 115 -12.90 1.01 -12.11
N MET B 116 -13.41 2.09 -11.56
CA MET B 116 -12.88 2.60 -10.26
C MET B 116 -14.06 3.11 -9.43
N LEU B 117 -14.07 2.78 -8.14
CA LEU B 117 -15.16 3.17 -7.24
C LEU B 117 -14.60 3.58 -5.88
N VAL B 118 -14.99 4.75 -5.39
CA VAL B 118 -14.53 5.29 -4.11
C VAL B 118 -15.71 5.55 -3.17
N HIS B 119 -15.64 4.95 -1.97
CA HIS B 119 -16.61 5.17 -0.89
C HIS B 119 -15.86 6.12 0.03
N SER B 120 -16.32 7.37 0.08
CA SER B 120 -15.66 8.35 0.92
C SER B 120 -16.70 9.06 1.79
N LEU B 121 -17.48 8.28 2.53
CA LEU B 121 -18.58 8.86 3.28
C LEU B 121 -18.76 8.12 4.61
N ALA B 122 -19.34 8.83 5.57
CA ALA B 122 -19.72 8.23 6.84
C ALA B 122 -20.73 9.15 7.46
N ASN B 123 -21.51 8.61 8.39
CA ASN B 123 -22.46 9.40 9.15
C ASN B 123 -22.94 8.64 10.36
N ALA B 124 -23.29 9.38 11.41
CA ALA B 124 -23.72 8.79 12.67
C ALA B 124 -24.47 9.86 13.46
N LYS B 125 -25.74 9.65 13.72
CA LYS B 125 -26.55 10.64 14.48
C LYS B 125 -25.99 11.01 15.85
N GLU B 126 -25.34 10.06 16.52
CA GLU B 126 -24.93 10.25 17.90
C GLU B 126 -23.43 10.24 18.09
N VAL B 127 -22.70 10.71 17.09
CA VAL B 127 -21.25 10.70 17.12
C VAL B 127 -20.70 11.47 18.33
N GLN B 128 -21.48 12.43 18.84
CA GLN B 128 -21.05 13.21 20.01
C GLN B 128 -21.15 12.46 21.33
N LYS B 129 -21.78 11.29 21.32
CA LYS B 129 -21.96 10.51 22.54
C LYS B 129 -20.93 9.39 22.62
N ASP B 130 -20.43 9.10 23.82
N ASP B 130 -20.48 9.10 23.84
CA ASP B 130 -19.53 7.95 23.95
CA ASP B 130 -19.64 7.93 24.13
C ASP B 130 -20.33 6.69 23.68
C ASP B 130 -20.38 6.67 23.67
N LEU B 131 -19.63 5.66 23.25
CA LEU B 131 -20.24 4.37 22.85
C LEU B 131 -21.22 3.86 23.90
N LEU B 132 -20.81 3.89 25.17
CA LEU B 132 -21.60 3.37 26.28
C LEU B 132 -22.98 4.08 26.35
N ASN B 133 -23.03 5.35 25.94
CA ASN B 133 -24.27 6.11 26.01
C ASN B 133 -25.03 6.22 24.68
N THR B 134 -24.53 5.54 23.66
CA THR B 134 -25.15 5.53 22.35
C THR B 134 -26.37 4.61 22.37
N SER B 135 -27.46 5.08 21.78
CA SER B 135 -28.70 4.32 21.76
C SER B 135 -28.66 3.29 20.65
N ARG B 136 -29.58 2.32 20.69
CA ARG B 136 -29.68 1.31 19.64
C ARG B 136 -29.86 1.97 18.28
N LYS B 137 -30.79 2.93 18.20
CA LYS B 137 -31.08 3.62 16.94
C LYS B 137 -29.85 4.39 16.42
N GLY B 138 -29.17 5.11 17.31
CA GLY B 138 -27.94 5.82 16.91
C GLY B 138 -26.89 4.84 16.38
N TYR B 139 -26.67 3.75 17.10
CA TYR B 139 -25.64 2.77 16.71
C TYR B 139 -25.95 2.16 15.35
N LEU B 140 -27.19 1.73 15.17
CA LEU B 140 -27.63 1.18 13.88
C LEU B 140 -27.55 2.19 12.76
N ASP B 141 -27.81 3.46 13.07
CA ASP B 141 -27.68 4.51 12.06
C ASP B 141 -26.22 4.58 11.58
N ALA B 142 -25.26 4.53 12.52
CA ALA B 142 -23.85 4.64 12.18
C ALA B 142 -23.43 3.45 11.28
N LEU B 143 -23.90 2.25 11.62
CA LEU B 143 -23.55 1.04 10.85
C LEU B 143 -24.22 1.09 9.48
N SER B 144 -25.47 1.56 9.46
CA SER B 144 -26.23 1.65 8.20
C SER B 144 -25.55 2.54 7.17
N LYS B 145 -25.27 3.78 7.57
CA LYS B 145 -24.73 4.76 6.64
C LYS B 145 -23.24 4.57 6.40
N SER B 146 -22.49 4.14 7.41
CA SER B 146 -21.02 4.14 7.29
C SER B 146 -20.43 2.83 6.82
N SER B 147 -21.14 1.72 7.08
CA SER B 147 -20.59 0.38 6.79
C SER B 147 -21.44 -0.36 5.77
N TYR B 148 -22.75 -0.52 6.07
CA TYR B 148 -23.59 -1.24 5.13
C TYR B 148 -23.57 -0.58 3.74
N SER B 149 -23.51 0.75 3.71
CA SER B 149 -23.50 1.49 2.44
C SER B 149 -22.40 0.96 1.48
N LEU B 150 -21.27 0.55 2.04
CA LEU B 150 -20.18 -0.03 1.22
C LEU B 150 -20.60 -1.34 0.56
N ILE B 151 -21.20 -2.23 1.35
CA ILE B 151 -21.67 -3.51 0.81
C ILE B 151 -22.69 -3.32 -0.34
N SER B 152 -23.65 -2.45 -0.09
CA SER B 152 -24.67 -2.14 -1.09
C SER B 152 -24.07 -1.49 -2.37
N LEU B 153 -23.15 -0.55 -2.17
CA LEU B 153 -22.45 0.09 -3.29
C LEU B 153 -21.80 -1.00 -4.13
N CYS B 154 -21.13 -1.95 -3.45
CA CYS B 154 -20.50 -3.08 -4.16
C CYS B 154 -21.52 -3.91 -4.91
N LYS B 155 -22.59 -4.31 -4.23
CA LYS B 155 -23.63 -5.17 -4.84
C LYS B 155 -24.19 -4.60 -6.14
N TYR B 156 -24.47 -3.29 -6.16
CA TYR B 156 -25.06 -2.65 -7.34
C TYR B 156 -24.03 -2.21 -8.39
N PHE B 157 -22.84 -1.81 -7.97
CA PHE B 157 -21.85 -1.33 -8.92
C PHE B 157 -21.08 -2.45 -9.63
N VAL B 158 -20.99 -3.64 -9.01
CA VAL B 158 -20.24 -4.72 -9.67
C VAL B 158 -20.82 -5.04 -11.04
N ASN B 159 -22.11 -4.79 -11.22
CA ASN B 159 -22.76 -5.04 -12.51
C ASN B 159 -22.41 -4.04 -13.59
N ILE B 160 -21.91 -2.87 -13.21
CA ILE B 160 -21.50 -1.87 -14.18
C ILE B 160 -19.98 -1.64 -14.18
N MET B 161 -19.22 -2.57 -13.60
CA MET B 161 -17.77 -2.47 -13.60
C MET B 161 -17.13 -3.59 -14.43
N LYS B 162 -15.98 -3.28 -15.02
CA LYS B 162 -15.24 -4.24 -15.81
C LYS B 162 -14.47 -5.18 -14.89
N PRO B 163 -14.13 -6.39 -15.37
CA PRO B 163 -13.24 -7.25 -14.58
C PRO B 163 -11.91 -6.52 -14.38
N GLN B 164 -11.21 -6.82 -13.27
CA GLN B 164 -9.97 -6.16 -12.88
C GLN B 164 -10.17 -4.74 -12.36
N SER B 165 -11.42 -4.34 -12.12
CA SER B 165 -11.74 -3.04 -11.52
C SER B 165 -11.32 -3.03 -10.02
N SER B 166 -11.32 -1.84 -9.41
CA SER B 166 -10.82 -1.70 -8.05
C SER B 166 -11.75 -0.77 -7.26
N ILE B 167 -11.93 -1.07 -5.97
CA ILE B 167 -12.82 -0.32 -5.08
C ILE B 167 -12.03 0.05 -3.82
N ILE B 168 -12.21 1.28 -3.33
CA ILE B 168 -11.60 1.68 -2.07
C ILE B 168 -12.60 2.41 -1.17
N SER B 169 -12.40 2.29 0.14
CA SER B 169 -13.12 3.11 1.10
C SER B 169 -12.13 3.73 2.07
N LEU B 170 -12.64 4.57 2.97
CA LEU B 170 -11.79 5.20 3.97
C LEU B 170 -12.19 4.78 5.39
N THR B 171 -11.19 4.50 6.22
CA THR B 171 -11.44 4.07 7.57
C THR B 171 -10.57 4.87 8.54
N TYR B 172 -10.70 4.59 9.84
CA TYR B 172 -9.90 5.26 10.84
C TYR B 172 -9.51 4.24 11.93
N HIS B 173 -8.31 4.44 12.48
CA HIS B 173 -7.68 3.53 13.45
C HIS B 173 -8.44 3.34 14.76
N ALA B 174 -9.40 4.22 15.07
CA ALA B 174 -10.28 4.01 16.23
C ALA B 174 -11.00 2.65 16.20
N SER B 175 -11.07 2.00 15.02
CA SER B 175 -11.60 0.62 14.92
C SER B 175 -10.75 -0.38 15.70
N GLN B 176 -9.44 -0.13 15.74
CA GLN B 176 -8.49 -1.08 16.33
C GLN B 176 -7.94 -0.68 17.70
N LYS B 177 -7.83 0.62 17.94
CA LYS B 177 -7.36 1.16 19.22
C LYS B 177 -8.29 2.26 19.69
N VAL B 178 -8.38 2.45 21.01
CA VAL B 178 -9.39 3.32 21.57
C VAL B 178 -9.06 4.79 21.35
N VAL B 179 -10.05 5.48 20.79
CA VAL B 179 -9.94 6.92 20.57
C VAL B 179 -11.15 7.59 21.26
N PRO B 180 -10.90 8.19 22.42
CA PRO B 180 -11.99 8.91 23.12
C PRO B 180 -12.46 10.06 22.24
N GLY B 181 -13.76 10.19 22.10
CA GLY B 181 -14.30 11.25 21.27
C GLY B 181 -14.87 10.72 19.97
N TYR B 182 -14.39 9.56 19.52
CA TYR B 182 -14.90 8.99 18.26
C TYR B 182 -16.11 8.13 18.62
N GLY B 183 -17.27 8.78 18.80
CA GLY B 183 -18.39 8.11 19.46
C GLY B 183 -19.50 7.71 18.53
N GLY B 184 -20.67 7.45 19.11
CA GLY B 184 -21.87 7.16 18.34
C GLY B 184 -21.84 5.86 17.60
N GLY B 185 -20.88 5.00 17.91
CA GLY B 185 -20.75 3.72 17.16
C GLY B 185 -19.92 3.90 15.89
N MET B 186 -19.29 5.07 15.68
CA MET B 186 -18.37 5.22 14.55
C MET B 186 -17.17 4.25 14.62
N SER B 187 -16.66 4.01 15.82
CA SER B 187 -15.58 3.06 15.97
C SER B 187 -16.05 1.65 15.54
N SER B 188 -17.28 1.32 15.92
CA SER B 188 -17.88 0.03 15.59
C SER B 188 -18.07 -0.09 14.09
N ALA B 189 -18.58 0.98 13.48
CA ALA B 189 -18.78 0.99 12.03
C ALA B 189 -17.46 0.80 11.24
N LYS B 190 -16.38 1.44 11.70
CA LYS B 190 -15.10 1.35 11.02
C LYS B 190 -14.54 -0.08 11.21
N ALA B 191 -14.71 -0.67 12.41
CA ALA B 191 -14.30 -2.08 12.64
C ALA B 191 -15.05 -3.03 11.67
N ALA B 192 -16.34 -2.78 11.49
CA ALA B 192 -17.16 -3.55 10.56
C ALA B 192 -16.72 -3.36 9.10
N LEU B 193 -16.49 -2.11 8.70
CA LEU B 193 -16.03 -1.77 7.38
C LEU B 193 -14.73 -2.49 7.02
N GLU B 194 -13.79 -2.51 7.98
CA GLU B 194 -12.51 -3.13 7.76
C GLU B 194 -12.65 -4.67 7.63
N SER B 195 -13.52 -5.26 8.43
CA SER B 195 -13.82 -6.71 8.34
C SER B 195 -14.58 -7.05 7.03
N ASP B 196 -15.56 -6.23 6.69
CA ASP B 196 -16.34 -6.41 5.45
C ASP B 196 -15.46 -6.26 4.21
N THR B 197 -14.41 -5.44 4.31
CA THR B 197 -13.45 -5.29 3.19
C THR B 197 -12.77 -6.61 2.86
N ARG B 198 -12.41 -7.36 3.88
CA ARG B 198 -11.86 -8.70 3.67
C ARG B 198 -12.88 -9.67 3.06
N VAL B 199 -14.07 -9.74 3.65
CA VAL B 199 -15.10 -10.71 3.16
C VAL B 199 -15.50 -10.38 1.71
N LEU B 200 -15.68 -9.09 1.44
CA LEU B 200 -15.98 -8.62 0.09
C LEU B 200 -14.84 -8.90 -0.88
N ALA B 201 -13.60 -8.79 -0.39
CA ALA B 201 -12.44 -9.07 -1.24
C ALA B 201 -12.51 -10.51 -1.73
N TYR B 202 -12.92 -11.40 -0.85
CA TYR B 202 -13.10 -12.81 -1.19
C TYR B 202 -14.16 -13.01 -2.27
N HIS B 203 -15.40 -12.57 -2.02
CA HIS B 203 -16.49 -12.68 -3.00
C HIS B 203 -16.22 -11.96 -4.34
N LEU B 204 -15.73 -10.72 -4.27
CA LEU B 204 -15.54 -9.95 -5.48
C LEU B 204 -14.32 -10.45 -6.28
N GLY B 205 -13.30 -10.92 -5.56
CA GLY B 205 -12.10 -11.42 -6.20
C GLY B 205 -12.43 -12.71 -6.93
N ARG B 206 -13.11 -13.61 -6.26
CA ARG B 206 -13.42 -14.93 -6.83
C ARG B 206 -14.49 -14.85 -7.93
N ASN B 207 -15.54 -14.05 -7.74
CA ASN B 207 -16.64 -14.03 -8.69
C ASN B 207 -16.46 -13.05 -9.85
N TYR B 208 -15.78 -11.94 -9.63
CA TYR B 208 -15.68 -10.92 -10.65
C TYR B 208 -14.27 -10.45 -10.96
N ASN B 209 -13.29 -10.97 -10.23
CA ASN B 209 -11.91 -10.51 -10.42
C ASN B 209 -11.82 -8.98 -10.14
N ILE B 210 -12.53 -8.55 -9.11
CA ILE B 210 -12.51 -7.17 -8.69
C ILE B 210 -11.84 -7.06 -7.31
N ARG B 211 -11.05 -6.01 -7.10
CA ARG B 211 -10.32 -5.84 -5.84
C ARG B 211 -10.97 -4.78 -4.96
N ILE B 212 -10.84 -4.95 -3.65
CA ILE B 212 -11.34 -3.92 -2.73
C ILE B 212 -10.37 -3.78 -1.56
N ASN B 213 -10.06 -2.54 -1.18
CA ASN B 213 -9.20 -2.29 -0.05
C ASN B 213 -9.74 -1.08 0.70
N THR B 214 -9.14 -0.77 1.85
CA THR B 214 -9.57 0.45 2.56
C THR B 214 -8.33 1.22 3.04
N ILE B 215 -8.41 2.55 3.01
CA ILE B 215 -7.32 3.40 3.50
C ILE B 215 -7.67 3.90 4.88
N SER B 216 -6.83 3.60 5.86
CA SER B 216 -6.97 4.16 7.20
C SER B 216 -6.18 5.47 7.21
N ALA B 217 -6.92 6.58 7.10
CA ALA B 217 -6.30 7.89 6.97
C ALA B 217 -6.02 8.52 8.33
N GLY B 218 -5.00 9.39 8.39
CA GLY B 218 -4.74 10.21 9.60
C GLY B 218 -5.73 11.37 9.60
N PRO B 219 -5.59 12.29 10.58
CA PRO B 219 -6.58 13.37 10.72
C PRO B 219 -6.48 14.50 9.67
N LEU B 220 -7.64 14.96 9.21
CA LEU B 220 -7.79 16.07 8.26
C LEU B 220 -8.96 16.95 8.70
N LYS B 221 -8.76 18.26 8.69
CA LYS B 221 -9.81 19.17 9.14
C LYS B 221 -10.89 19.36 8.05
N SER B 222 -11.71 18.33 7.88
CA SER B 222 -12.78 18.30 6.90
C SER B 222 -14.03 18.87 7.55
N ARG B 223 -15.12 19.08 6.79
CA ARG B 223 -16.38 19.53 7.43
C ARG B 223 -16.92 18.54 8.45
N ALA B 224 -16.87 17.24 8.11
CA ALA B 224 -17.36 16.21 9.02
C ALA B 224 -16.54 16.13 10.31
N ALA B 225 -15.21 16.26 10.20
CA ALA B 225 -14.32 16.22 11.34
C ALA B 225 -14.64 17.34 12.37
N THR B 226 -14.91 18.54 11.86
CA THR B 226 -15.21 19.72 12.68
C THR B 226 -16.50 19.53 13.45
N ALA B 227 -17.43 18.79 12.86
CA ALA B 227 -18.73 18.55 13.43
C ALA B 227 -18.71 17.54 14.60
N ILE B 228 -17.60 16.83 14.78
CA ILE B 228 -17.41 15.93 15.92
C ILE B 228 -17.23 16.73 17.21
N ASN B 229 -16.79 17.99 17.07
CA ASN B 229 -16.73 18.99 18.14
C ASN B 229 -15.47 19.82 18.08
N THR B 272 -10.95 21.42 20.22
CA THR B 272 -11.91 20.52 19.58
C THR B 272 -11.25 19.18 19.22
N PHE B 273 -12.08 18.15 19.08
CA PHE B 273 -11.59 16.82 18.74
C PHE B 273 -10.53 16.83 17.60
N ILE B 274 -10.87 17.39 16.44
CA ILE B 274 -9.97 17.30 15.26
C ILE B 274 -8.71 18.13 15.46
N ASP B 275 -8.82 19.27 16.16
CA ASP B 275 -7.62 20.09 16.39
C ASP B 275 -6.62 19.33 17.25
N TYR B 276 -7.11 18.60 18.25
CA TYR B 276 -6.26 17.81 19.12
C TYR B 276 -5.59 16.68 18.31
N ALA B 277 -6.40 15.98 17.51
CA ALA B 277 -5.91 14.86 16.70
C ALA B 277 -4.77 15.34 15.79
N ILE B 278 -4.96 16.49 15.15
CA ILE B 278 -3.99 17.00 14.18
C ILE B 278 -2.72 17.41 14.88
N GLU B 279 -2.87 18.10 16.02
CA GLU B 279 -1.73 18.57 16.78
C GLU B 279 -0.94 17.38 17.28
N TYR B 280 -1.64 16.40 17.83
CA TYR B 280 -1.00 15.20 18.33
C TYR B 280 -0.21 14.48 17.22
N SER B 281 -0.85 14.33 16.07
CA SER B 281 -0.26 13.65 14.91
C SER B 281 0.99 14.39 14.41
N GLU B 282 0.90 15.71 14.27
CA GLU B 282 2.06 16.49 13.82
C GLU B 282 3.17 16.50 14.83
N LYS B 283 2.85 16.34 16.10
CA LYS B 283 3.92 16.24 17.12
C LYS B 283 4.58 14.87 17.27
N TYR B 284 3.81 13.79 17.14
CA TYR B 284 4.31 12.47 17.54
C TYR B 284 4.47 11.45 16.43
N ALA B 285 3.96 11.74 15.24
CA ALA B 285 4.09 10.78 14.13
C ALA B 285 5.56 10.66 13.72
N PRO B 286 5.98 9.48 13.21
CA PRO B 286 7.35 9.37 12.67
C PRO B 286 7.68 10.49 11.67
N LEU B 287 6.72 10.82 10.83
CA LEU B 287 6.84 11.91 9.87
C LEU B 287 6.08 13.14 10.36
N ARG B 288 6.82 14.18 10.72
CA ARG B 288 6.21 15.38 11.30
C ARG B 288 6.09 16.38 10.18
N GLN B 289 5.00 16.28 9.45
CA GLN B 289 4.69 17.07 8.26
C GLN B 289 3.16 17.11 8.20
N LYS B 290 2.60 18.17 7.62
CA LYS B 290 1.16 18.33 7.57
C LYS B 290 0.52 17.31 6.64
N LEU B 291 -0.37 16.49 7.17
CA LEU B 291 -1.04 15.46 6.32
C LEU B 291 -2.05 16.11 5.39
N LEU B 292 -1.87 15.94 4.08
CA LEU B 292 -2.75 16.55 3.07
C LEU B 292 -3.79 15.60 2.51
N SER B 293 -4.95 16.12 2.09
CA SER B 293 -5.93 15.27 1.45
C SER B 293 -5.33 14.58 0.21
N THR B 294 -4.45 15.27 -0.53
CA THR B 294 -3.81 14.69 -1.72
C THR B 294 -2.78 13.59 -1.37
N ASP B 295 -2.30 13.55 -0.13
CA ASP B 295 -1.47 12.44 0.35
C ASP B 295 -2.29 11.14 0.32
N ILE B 296 -3.55 11.25 0.71
CA ILE B 296 -4.46 10.13 0.67
C ILE B 296 -4.83 9.88 -0.76
N GLY B 297 -5.06 10.97 -1.49
CA GLY B 297 -5.40 10.87 -2.89
C GLY B 297 -4.42 10.10 -3.74
N SER B 298 -3.13 10.34 -3.54
CA SER B 298 -2.15 9.61 -4.34
C SER B 298 -2.10 8.12 -4.01
N VAL B 299 -2.33 7.75 -2.75
CA VAL B 299 -2.41 6.33 -2.39
C VAL B 299 -3.67 5.69 -3.01
N ALA B 300 -4.79 6.40 -2.94
CA ALA B 300 -6.06 5.97 -3.51
C ALA B 300 -5.90 5.69 -5.01
N SER B 301 -5.22 6.60 -5.66
CA SER B 301 -4.93 6.53 -7.08
C SER B 301 -4.14 5.26 -7.42
N PHE B 302 -3.12 4.99 -6.61
CA PHE B 302 -2.34 3.75 -6.79
C PHE B 302 -3.22 2.48 -6.61
N LEU B 303 -4.02 2.47 -5.54
CA LEU B 303 -4.84 1.29 -5.23
C LEU B 303 -5.93 1.02 -6.26
N LEU B 304 -6.40 2.09 -6.90
CA LEU B 304 -7.41 1.99 -7.94
C LEU B 304 -6.81 1.64 -9.30
N SER B 305 -5.50 1.85 -9.46
CA SER B 305 -4.83 1.52 -10.72
C SER B 305 -4.40 0.06 -10.77
N ARG B 306 -4.01 -0.38 -11.97
CA ARG B 306 -3.54 -1.74 -12.19
C ARG B 306 -2.21 -2.01 -11.53
N GLU B 307 -1.51 -0.95 -11.09
CA GLU B 307 -0.23 -1.12 -10.38
C GLU B 307 -0.36 -1.94 -9.08
N SER B 308 -1.56 -1.96 -8.51
CA SER B 308 -1.81 -2.65 -7.24
C SER B 308 -2.59 -3.96 -7.42
N ARG B 309 -2.50 -4.48 -8.64
CA ARG B 309 -3.24 -5.68 -9.04
CA ARG B 309 -3.00 -5.79 -9.14
C ARG B 309 -3.14 -6.91 -8.09
N ALA B 310 -2.08 -7.05 -7.30
CA ALA B 310 -1.99 -8.18 -6.36
C ALA B 310 -2.35 -7.84 -4.90
N ILE B 311 -2.90 -6.63 -4.68
CA ILE B 311 -3.33 -6.18 -3.34
C ILE B 311 -4.86 -6.17 -3.23
N THR B 312 -5.40 -6.93 -2.28
CA THR B 312 -6.85 -6.87 -2.03
C THR B 312 -7.17 -7.28 -0.61
N GLY B 313 -8.30 -6.78 -0.10
CA GLY B 313 -8.71 -7.16 1.25
C GLY B 313 -7.97 -6.43 2.35
N GLN B 314 -7.13 -5.47 1.97
CA GLN B 314 -6.19 -4.84 2.93
C GLN B 314 -6.67 -3.52 3.50
N THR B 315 -6.23 -3.24 4.74
CA THR B 315 -6.34 -1.91 5.34
C THR B 315 -4.96 -1.28 5.23
N ILE B 316 -4.83 -0.22 4.43
CA ILE B 316 -3.56 0.45 4.21
C ILE B 316 -3.50 1.77 4.96
N TYR B 317 -2.53 1.90 5.85
CA TYR B 317 -2.42 3.12 6.67
C TYR B 317 -1.67 4.23 5.96
N VAL B 318 -2.32 5.39 5.89
CA VAL B 318 -1.77 6.59 5.26
C VAL B 318 -1.94 7.70 6.28
N ASP B 319 -1.01 7.78 7.20
CA ASP B 319 -1.20 8.59 8.41
C ASP B 319 0.14 9.06 8.96
N ASN B 320 1.15 9.16 8.08
CA ASN B 320 2.51 9.57 8.49
C ASN B 320 3.17 8.60 9.50
N GLY B 321 2.62 7.39 9.58
CA GLY B 321 3.13 6.33 10.48
C GLY B 321 2.70 6.40 11.94
N LEU B 322 1.74 7.28 12.27
CA LEU B 322 1.33 7.46 13.66
C LEU B 322 0.85 6.14 14.29
N ASN B 323 0.18 5.32 13.49
CA ASN B 323 -0.38 4.05 13.99
C ASN B 323 0.66 3.10 14.63
N ILE B 324 1.93 3.25 14.25
CA ILE B 324 2.99 2.34 14.73
C ILE B 324 3.49 2.66 16.13
N MET B 325 3.16 3.86 16.64
CA MET B 325 3.66 4.33 17.94
C MET B 325 2.84 3.76 19.11
N PHE B 326 3.51 3.46 20.23
CA PHE B 326 2.82 3.06 21.45
C PHE B 326 2.84 4.26 22.39
N LEU B 327 4.03 4.59 22.90
CA LEU B 327 4.21 5.67 23.86
C LEU B 327 4.81 6.93 23.17
N PRO B 328 4.21 8.11 23.42
CA PRO B 328 4.74 9.41 22.96
C PRO B 328 6.15 9.75 23.52
N ASP B 329 6.79 10.81 23.01
CA ASP B 329 8.05 11.32 23.57
C ASP B 329 7.80 12.46 24.54
PA NAD C . 16.18 -14.96 -4.62
O1A NAD C . 17.15 -16.10 -4.42
O2A NAD C . 15.82 -14.47 -6.01
O5B NAD C . 16.70 -13.69 -3.77
C5B NAD C . 17.48 -13.89 -2.58
C4B NAD C . 18.87 -13.31 -2.82
O4B NAD C . 19.53 -13.00 -1.59
C3B NAD C . 19.78 -14.26 -3.58
O3B NAD C . 20.07 -13.72 -4.87
C2B NAD C . 21.06 -14.34 -2.77
O2B NAD C . 22.21 -14.20 -3.59
C1B NAD C . 20.93 -13.17 -1.80
N9A NAD C . 21.69 -13.44 -0.55
C8A NAD C . 21.66 -14.55 0.21
N7A NAD C . 22.53 -14.39 1.26
C5A NAD C . 23.09 -13.17 1.12
C6A NAD C . 24.10 -12.40 1.91
N6A NAD C . 24.65 -12.91 3.04
N1A NAD C . 24.44 -11.17 1.47
C2A NAD C . 23.88 -10.68 0.35
N3A NAD C . 22.98 -11.36 -0.37
C4A NAD C . 22.56 -12.59 -0.01
O3 NAD C . 14.81 -15.34 -3.85
PN NAD C . 13.66 -14.24 -3.58
O1N NAD C . 12.38 -15.00 -3.34
O2N NAD C . 13.73 -13.21 -4.68
O5D NAD C . 14.11 -13.55 -2.20
C5D NAD C . 14.06 -12.13 -2.08
C4D NAD C . 13.34 -11.73 -0.80
O4D NAD C . 11.92 -11.91 -0.94
C3D NAD C . 13.77 -12.56 0.39
O3D NAD C . 14.01 -11.69 1.51
C2D NAD C . 12.58 -13.45 0.70
O2D NAD C . 12.49 -13.72 2.10
C1D NAD C . 11.43 -12.60 0.21
N1N NAD C . 10.23 -13.40 -0.08
C2N NAD C . 10.24 -14.33 -1.04
C3N NAD C . 9.09 -15.09 -1.32
C7N NAD C . 9.12 -16.13 -2.39
O7N NAD C . 8.19 -16.92 -2.46
N7N NAD C . 10.13 -16.16 -3.25
C4N NAD C . 7.81 -14.88 -0.55
C5N NAD C . 7.94 -13.84 0.46
C6N NAD C . 9.14 -13.15 0.65
C1 FT1 D . 11.54 -17.12 0.55
C2 FT1 D . 10.65 -16.66 1.53
C3 FT1 D . 9.33 -17.10 1.55
C4 FT1 D . 8.90 -18.06 0.61
C5 FT1 D . 9.80 -18.52 -0.36
C6 FT1 D . 11.12 -18.05 -0.40
O7 FT1 D . 12.82 -16.64 0.56
C8 FT1 D . 13.80 -17.29 1.30
C9 FT1 D . 15.11 -16.87 1.17
C10 FT1 D . 16.14 -17.50 1.89
C11 FT1 D . 15.80 -18.55 2.73
C12 FT1 D . 14.48 -18.98 2.89
C13 FT1 D . 13.48 -18.35 2.17
C14 FT1 D . 7.50 -18.53 0.64
O15 FT1 D . 7.10 -19.31 -0.23
CL1 FT1 D . 17.10 -19.36 3.64
CL9 FT1 D . 15.53 -15.54 0.07
O18 FT1 D . 11.10 -15.75 2.46
PA NAD E . -16.23 14.92 4.46
O1A NAD E . -17.36 15.75 5.01
O2A NAD E . -15.29 15.52 3.42
O5B NAD E . -16.86 13.58 3.83
C5B NAD E . -18.16 13.14 4.20
C4B NAD E . -19.07 13.22 2.99
O4B NAD E . -19.96 12.10 2.96
C3B NAD E . -19.93 14.47 3.03
O3B NAD E . -19.65 15.24 1.86
C2B NAD E . -21.37 13.98 2.98
O2B NAD E . -22.12 14.74 2.04
C1B NAD E . -21.25 12.54 2.53
N9A NAD E . -22.35 11.72 3.11
C8A NAD E . -22.70 11.64 4.40
N7A NAD E . -23.76 10.79 4.51
C5A NAD E . -24.06 10.36 3.27
C6A NAD E . -25.08 9.45 2.71
N6A NAD E . -26.00 8.83 3.49
N1A NAD E . -25.09 9.26 1.37
C2A NAD E . -24.19 9.87 0.59
N3A NAD E . -23.25 10.70 1.08
C4A NAD E . -23.17 10.96 2.39
O3 NAD E . -15.33 14.37 5.67
PN NAD E . -14.05 13.44 5.38
O1N NAD E . -13.09 13.59 6.53
O2N NAD E . -13.58 13.70 3.96
O5D NAD E . -14.67 11.95 5.41
C5D NAD E . -14.54 11.08 4.30
C4D NAD E . -14.19 9.67 4.78
O4D NAD E . -12.86 9.62 5.29
C3D NAD E . -15.11 9.25 5.93
O3D NAD E . -15.61 7.94 5.69
C2D NAD E . -14.22 9.23 7.15
O2D NAD E . -14.61 8.18 8.04
C1D NAD E . -12.85 8.98 6.57
N1N NAD E . -11.79 9.50 7.45
C2N NAD E . -11.70 10.82 7.70
C3N NAD E . -10.71 11.32 8.53
C7N NAD E . -10.62 12.80 8.79
O7N NAD E . -9.84 13.21 9.63
N7N NAD E . -11.38 13.62 8.07
C4N NAD E . -9.70 10.42 9.20
C5N NAD E . -9.92 9.02 8.85
C6N NAD E . -10.95 8.63 8.00
C1 FT1 F . -13.89 11.37 10.35
C2 FT1 F . -13.27 10.17 10.72
C3 FT1 F . -12.11 10.20 11.48
C4 FT1 F . -11.56 11.43 11.87
C5 FT1 F . -12.19 12.64 11.50
C6 FT1 F . -13.35 12.60 10.73
O7 FT1 F . -15.03 11.32 9.57
C8 FT1 F . -16.26 11.24 10.12
C9 FT1 F . -17.38 11.36 9.29
C10 FT1 F . -18.66 11.29 9.79
C11 FT1 F . -18.76 11.08 11.18
C12 FT1 F . -17.66 10.95 12.03
C13 FT1 F . -16.39 11.01 11.49
C14 FT1 F . -10.32 11.43 12.69
O15 FT1 F . -9.83 12.46 13.08
CL1 FT1 F . -20.39 10.99 11.88
CL9 FT1 F . -17.14 11.61 7.53
O18 FT1 F . -13.83 8.98 10.36
#